data_5JQ7
#
_entry.id   5JQ7
#
_cell.length_a   113.450
_cell.length_b   113.450
_cell.length_c   306.870
_cell.angle_alpha   90.00
_cell.angle_beta   90.00
_cell.angle_gamma   120.00
#
_symmetry.space_group_name_H-M   'H 3 2'
#
loop_
_entity.id
_entity.type
_entity.pdbx_description
1 polymer 'Envelope glycoprotein 1,Envelope glycoprotein 1,Envelope glycoprotein 1'
2 polymer 'Envelope glycoprotein 2'
3 branched alpha-D-mannopyranose-(1-6)-beta-D-mannopyranose-(1-4)-2-acetamido-2-deoxy-beta-D-glucopyranose-(1-4)-2-acetamido-2-deoxy-beta-D-glucopyranose
4 non-polymer 2-acetamido-2-deoxy-beta-D-glucopyranose
5 non-polymer GLYCEROL
6 non-polymer 'DIMETHYL SULFOXIDE'
7 non-polymer Toremifene
8 water water
#
loop_
_entity_poly.entity_id
_entity_poly.type
_entity_poly.pdbx_seq_one_letter_code
_entity_poly.pdbx_strand_id
1 'polypeptide(L)'
;ETGRSIPLGVIHNSALQVSDVDKLVCRDKLSSTNQLRSVGLNLEGNGVATDVPSATKRWGFRSGVPPKVVNYEAGEWAEN
CYNLEIKKPDGSECLPAAPDGIRGFPRCRYVHKVSGTGPCAGDFAFHKEGAFFLYDRLASTVIYRGTTFAEGVVAFLILP
QAKKDFFSSHPLREPVNATEDPSSGYYSTTIRYQATGFGTNETEYLFEVDNLTYVQLESRFTPQFLLQLNETIYTSGKRS
NTTGKLIWKVNPEIDTTIGEWAFWETKKNLTRKIRSEELSFTVVSTHHQDTGEESASSGKLGLITNTIAGVAGLITGGRR
TRR(UNK)(UNK)(UNK)(UNK)(UNK)(UNK)(UNK)
;
A
2 'polypeptide(L)'
;EAIVNAQPKCNPNLHYWTTQDEGAAIGLAWIPYFGPAAEGIYIEGLMHNQDGLICGLRQLANETTQALQLFLRATTELRT
FSILNRKAIDFLLQRWGGTCHILGPDCCIEPHDWTKNITDKIDQIIHDFVDGSGYIPEAPRDGQAYVRKDGEWVLLSTFL
GTHHHHHH
;
B
#
loop_
_chem_comp.id
_chem_comp.type
_chem_comp.name
_chem_comp.formula
BMA D-saccharide, beta linking beta-D-mannopyranose 'C6 H12 O6'
DMS non-polymer 'DIMETHYL SULFOXIDE' 'C2 H6 O S'
GOL non-polymer GLYCEROL 'C3 H8 O3'
MAN D-saccharide, alpha linking alpha-D-mannopyranose 'C6 H12 O6'
NAG D-saccharide, beta linking 2-acetamido-2-deoxy-beta-D-glucopyranose 'C8 H15 N O6'
T0R non-polymer Toremifene 'C26 H28 Cl N O'
#
# COMPACT_ATOMS: atom_id res chain seq x y z
N GLY A 3 11.87 -14.99 14.19
CA GLY A 3 10.88 -15.43 13.16
C GLY A 3 9.53 -15.80 13.74
N ARG A 4 8.47 -15.61 12.96
CA ARG A 4 7.09 -16.02 13.35
C ARG A 4 6.19 -16.14 12.11
N SER A 5 5.19 -17.03 12.19
CA SER A 5 4.23 -17.29 11.11
C SER A 5 3.54 -16.04 10.56
N ILE A 6 3.49 -15.92 9.23
CA ILE A 6 2.82 -14.79 8.57
C ILE A 6 1.32 -14.93 8.78
N PRO A 7 0.68 -13.89 9.37
CA PRO A 7 -0.76 -13.97 9.59
C PRO A 7 -1.58 -14.06 8.32
N LEU A 8 -2.68 -14.80 8.40
CA LEU A 8 -3.65 -14.93 7.33
C LEU A 8 -5.00 -14.43 7.86
N GLY A 9 -5.58 -13.46 7.17
CA GLY A 9 -6.89 -12.93 7.52
C GLY A 9 -8.02 -13.83 7.08
N VAL A 10 -8.98 -14.03 7.97
CA VAL A 10 -10.19 -14.81 7.67
C VAL A 10 -11.37 -14.18 8.44
N ILE A 11 -12.58 -14.37 7.93
CA ILE A 11 -13.80 -13.82 8.54
C ILE A 11 -14.55 -14.88 9.37
N HIS A 12 -14.67 -14.65 10.68
CA HIS A 12 -15.54 -15.44 11.57
C HIS A 12 -16.47 -14.49 12.34
N ASN A 13 -17.71 -14.93 12.56
CA ASN A 13 -18.71 -14.18 13.35
C ASN A 13 -18.83 -12.71 12.93
N SER A 14 -18.94 -12.49 11.62
CA SER A 14 -19.01 -11.15 11.03
C SER A 14 -17.85 -10.25 11.47
N ALA A 15 -16.65 -10.82 11.53
CA ALA A 15 -15.43 -10.08 11.93
C ALA A 15 -14.16 -10.67 11.29
N LEU A 16 -13.26 -9.79 10.85
CA LEU A 16 -11.96 -10.22 10.36
C LEU A 16 -11.12 -10.65 11.56
N GLN A 17 -10.43 -11.78 11.42
CA GLN A 17 -9.57 -12.32 12.48
C GLN A 17 -8.31 -12.87 11.86
N VAL A 18 -7.24 -12.93 12.65
CA VAL A 18 -6.06 -13.71 12.28
C VAL A 18 -6.39 -15.16 12.51
N SER A 19 -6.28 -15.96 11.44
CA SER A 19 -6.48 -17.40 11.50
C SER A 19 -5.47 -18.01 12.48
N ASP A 20 -5.99 -18.66 13.52
CA ASP A 20 -5.14 -19.23 14.58
C ASP A 20 -4.45 -20.49 14.07
N VAL A 21 -3.12 -20.49 14.07
CA VAL A 21 -2.31 -21.55 13.44
C VAL A 21 -2.47 -22.90 14.14
N ASP A 22 -2.47 -22.87 15.48
CA ASP A 22 -2.49 -24.10 16.29
C ASP A 22 -3.84 -24.85 16.26
N LYS A 23 -4.93 -24.13 16.00
CA LYS A 23 -6.26 -24.73 15.94
C LYS A 23 -6.70 -24.94 14.49
N LEU A 24 -7.49 -26.00 14.27
CA LEU A 24 -7.99 -26.38 12.95
C LEU A 24 -9.49 -26.18 12.96
N VAL A 25 -10.00 -25.42 11.99
CA VAL A 25 -11.43 -25.21 11.84
C VAL A 25 -11.88 -25.87 10.53
N CYS A 26 -12.47 -27.06 10.63
CA CYS A 26 -12.98 -27.78 9.45
C CYS A 26 -14.12 -27.04 8.73
N ARG A 27 -14.86 -26.19 9.46
CA ARG A 27 -15.87 -25.32 8.88
C ARG A 27 -15.28 -24.36 7.83
N ASP A 28 -14.04 -23.90 8.04
CA ASP A 28 -13.36 -23.04 7.05
C ASP A 28 -13.16 -23.81 5.76
N LYS A 29 -13.40 -23.14 4.64
CA LYS A 29 -13.35 -23.77 3.33
C LYS A 29 -12.47 -22.99 2.33
N LEU A 30 -11.43 -23.66 1.82
CA LEU A 30 -10.62 -23.13 0.71
C LEU A 30 -10.80 -24.03 -0.52
N SER A 31 -11.79 -23.70 -1.35
CA SER A 31 -12.10 -24.50 -2.54
C SER A 31 -11.21 -24.17 -3.73
N SER A 32 -10.56 -23.01 -3.68
CA SER A 32 -9.72 -22.58 -4.78
C SER A 32 -8.67 -21.62 -4.29
N THR A 33 -7.59 -21.55 -5.04
CA THR A 33 -6.47 -20.69 -4.71
C THR A 33 -6.77 -19.21 -5.07
N ASN A 34 -7.85 -18.97 -5.81
CA ASN A 34 -8.43 -17.62 -5.99
C ASN A 34 -9.00 -17.00 -4.73
N GLN A 35 -9.48 -17.81 -3.81
CA GLN A 35 -9.96 -17.31 -2.52
C GLN A 35 -8.85 -16.68 -1.68
N LEU A 36 -7.59 -16.98 -2.00
CA LEU A 36 -6.45 -16.38 -1.33
C LEU A 36 -6.08 -15.08 -2.03
N ARG A 37 -5.83 -14.04 -1.25
CA ARG A 37 -5.52 -12.72 -1.80
C ARG A 37 -4.43 -12.05 -0.99
N SER A 38 -3.57 -11.31 -1.67
CA SER A 38 -2.55 -10.47 -1.05
C SER A 38 -2.82 -9.03 -1.48
N VAL A 39 -2.69 -8.14 -0.52
CA VAL A 39 -3.37 -6.87 -0.58
C VAL A 39 -2.49 -5.79 0.02
N GLY A 40 -2.49 -4.61 -0.56
CA GLY A 40 -1.71 -3.48 -0.07
C GLY A 40 -2.58 -2.36 0.45
N LEU A 41 -2.38 -1.99 1.71
CA LEU A 41 -3.07 -0.86 2.34
C LEU A 41 -2.08 0.26 2.62
N ASN A 42 -2.50 1.50 2.34
CA ASN A 42 -1.62 2.68 2.42
C ASN A 42 -1.58 3.25 3.85
N LEU A 43 -0.43 3.78 4.24
CA LEU A 43 -0.26 4.40 5.58
C LEU A 43 -1.13 5.63 5.80
N GLU A 44 -1.34 6.40 4.73
CA GLU A 44 -2.38 7.44 4.66
C GLU A 44 -3.63 7.11 5.44
N GLY A 45 -4.20 5.94 5.17
CA GLY A 45 -5.46 5.49 5.77
C GLY A 45 -5.41 5.18 7.25
N ASN A 46 -4.21 5.23 7.85
CA ASN A 46 -4.01 5.16 9.29
C ASN A 46 -3.82 6.52 9.95
N GLY A 47 -3.80 7.58 9.15
CA GLY A 47 -3.77 8.97 9.65
C GLY A 47 -2.40 9.60 9.76
N VAL A 48 -1.41 9.04 9.08
CA VAL A 48 -0.05 9.58 9.17
C VAL A 48 0.06 10.88 8.37
N ALA A 49 0.97 11.74 8.83
CA ALA A 49 1.29 12.96 8.10
C ALA A 49 1.81 12.58 6.71
N THR A 50 1.23 13.20 5.68
CA THR A 50 1.59 12.92 4.29
C THR A 50 2.34 14.06 3.58
N ASP A 51 2.49 15.21 4.24
CA ASP A 51 3.36 16.28 3.74
C ASP A 51 4.80 15.79 3.53
N VAL A 52 5.47 16.34 2.51
CA VAL A 52 6.81 15.89 2.13
C VAL A 52 7.83 15.92 3.29
N PRO A 53 7.89 17.03 4.05
CA PRO A 53 8.84 17.09 5.18
C PRO A 53 8.67 15.97 6.20
N SER A 54 7.42 15.65 6.54
CA SER A 54 7.10 14.62 7.53
C SER A 54 7.31 13.21 6.96
N ALA A 55 6.98 13.04 5.68
CA ALA A 55 7.10 11.76 5.00
C ALA A 55 8.54 11.32 4.82
N THR A 56 9.40 12.25 4.41
CA THR A 56 10.81 11.92 4.15
C THR A 56 11.58 11.58 5.43
N LYS A 57 11.19 12.17 6.55
CA LYS A 57 11.82 11.85 7.84
C LYS A 57 11.57 10.41 8.29
N ARG A 58 10.56 9.75 7.71
CA ARG A 58 10.34 8.31 7.91
C ARG A 58 11.26 7.37 7.10
N TRP A 59 12.06 7.91 6.18
CA TRP A 59 12.96 7.07 5.36
C TRP A 59 14.40 7.41 5.68
N GLY A 60 15.29 6.44 5.50
CA GLY A 60 16.71 6.58 5.83
C GLY A 60 17.62 5.57 5.14
N PHE A 61 18.88 5.96 4.97
CA PHE A 61 19.86 5.16 4.26
C PHE A 61 20.61 4.19 5.18
N ARG A 62 20.90 3.00 4.65
CA ARG A 62 21.51 1.90 5.41
C ARG A 62 22.22 0.96 4.45
N SER A 63 23.40 0.49 4.87
CA SER A 63 24.16 -0.51 4.13
C SER A 63 24.08 -1.86 4.83
N GLY A 64 24.49 -2.91 4.12
CA GLY A 64 24.59 -4.26 4.66
C GLY A 64 23.31 -5.08 4.63
N VAL A 65 22.22 -4.52 4.13
CA VAL A 65 20.93 -5.19 4.11
C VAL A 65 20.49 -5.34 2.66
N PRO A 66 20.41 -6.59 2.14
CA PRO A 66 19.97 -6.72 0.74
C PRO A 66 18.49 -6.35 0.57
N PRO A 67 18.15 -5.62 -0.50
CA PRO A 67 16.73 -5.31 -0.70
C PRO A 67 15.88 -6.56 -1.00
N LYS A 68 14.62 -6.49 -0.62
CA LYS A 68 13.69 -7.58 -0.79
C LYS A 68 12.37 -7.04 -1.31
N VAL A 69 11.70 -7.86 -2.11
CA VAL A 69 10.49 -7.51 -2.82
C VAL A 69 9.50 -8.65 -2.68
N VAL A 70 8.24 -8.30 -2.44
CA VAL A 70 7.14 -9.27 -2.35
C VAL A 70 5.98 -8.70 -3.16
N ASN A 71 5.14 -9.57 -3.74
CA ASN A 71 4.11 -9.07 -4.63
C ASN A 71 2.77 -8.96 -3.92
N TYR A 72 1.91 -8.11 -4.47
CA TYR A 72 0.51 -8.00 -4.03
C TYR A 72 -0.43 -7.72 -5.22
N GLU A 73 -1.65 -8.27 -5.16
CA GLU A 73 -2.61 -8.29 -6.29
C GLU A 73 -3.52 -7.09 -6.40
N ALA A 74 -3.75 -6.39 -5.28
CA ALA A 74 -4.73 -5.31 -5.22
C ALA A 74 -4.25 -4.24 -4.27
N GLY A 75 -4.57 -2.99 -4.58
CA GLY A 75 -4.14 -1.89 -3.74
C GLY A 75 -5.19 -0.84 -3.58
N GLU A 76 -4.82 0.21 -2.87
CA GLU A 76 -5.70 1.29 -2.48
C GLU A 76 -5.28 2.53 -3.25
N TRP A 77 -6.25 3.26 -3.79
CA TRP A 77 -5.97 4.51 -4.48
C TRP A 77 -5.36 5.45 -3.44
N ALA A 78 -4.26 6.11 -3.81
CA ALA A 78 -3.58 7.05 -2.92
C ALA A 78 -3.95 8.49 -3.23
N GLU A 79 -3.95 9.30 -2.18
CA GLU A 79 -3.86 10.76 -2.32
C GLU A 79 -2.42 11.22 -2.51
N ASN A 80 -1.48 10.57 -1.84
CA ASN A 80 -0.11 11.05 -1.76
C ASN A 80 0.84 9.92 -2.11
N CYS A 81 1.61 10.15 -3.16
CA CYS A 81 2.70 9.30 -3.55
C CYS A 81 3.94 10.17 -3.66
N TYR A 82 5.10 9.54 -3.71
CA TYR A 82 6.38 10.25 -3.76
C TYR A 82 7.27 9.66 -4.85
N ASN A 83 8.09 10.52 -5.45
CA ASN A 83 8.99 10.19 -6.55
C ASN A 83 10.30 10.94 -6.34
N LEU A 84 11.37 10.22 -5.99
CA LEU A 84 12.62 10.86 -5.55
C LEU A 84 13.73 10.81 -6.61
N GLU A 85 14.33 11.98 -6.86
CA GLU A 85 15.56 12.10 -7.67
C GLU A 85 16.60 12.78 -6.77
N ILE A 86 17.29 11.98 -5.97
CA ILE A 86 18.24 12.49 -4.99
C ILE A 86 19.65 12.12 -5.40
N LYS A 87 20.54 13.11 -5.38
CA LYS A 87 21.95 12.92 -5.65
C LYS A 87 22.80 13.37 -4.47
N LYS A 88 24.04 12.94 -4.45
CA LYS A 88 25.02 13.50 -3.51
C LYS A 88 25.46 14.86 -4.06
N PRO A 89 26.08 15.72 -3.22
CA PRO A 89 26.61 16.99 -3.74
C PRO A 89 27.72 16.83 -4.82
N ASP A 90 28.36 15.67 -4.89
CA ASP A 90 29.26 15.33 -6.00
C ASP A 90 28.57 14.78 -7.26
N GLY A 91 27.24 14.80 -7.31
CA GLY A 91 26.49 14.42 -8.52
C GLY A 91 26.19 12.94 -8.75
N SER A 92 26.67 12.05 -7.88
CA SER A 92 26.40 10.62 -7.98
C SER A 92 25.00 10.32 -7.46
N GLU A 93 24.35 9.33 -8.07
CA GLU A 93 22.97 8.96 -7.71
C GLU A 93 22.91 8.29 -6.33
N CYS A 94 21.89 8.63 -5.56
CA CYS A 94 21.68 8.04 -4.22
C CYS A 94 20.81 6.78 -4.24
N LEU A 95 19.88 6.72 -5.19
CA LEU A 95 18.94 5.61 -5.30
C LEU A 95 19.24 4.83 -6.58
N PRO A 96 18.97 3.50 -6.59
CA PRO A 96 19.21 2.69 -7.77
C PRO A 96 18.09 2.80 -8.78
N ALA A 97 18.40 2.55 -10.04
CA ALA A 97 17.40 2.51 -11.11
C ALA A 97 16.38 1.43 -10.79
N ALA A 98 15.12 1.69 -11.13
CA ALA A 98 14.08 0.69 -10.93
C ALA A 98 14.47 -0.62 -11.63
N PRO A 99 14.50 -1.73 -10.88
CA PRO A 99 14.73 -3.02 -11.53
C PRO A 99 13.72 -3.29 -12.64
N ASP A 100 14.05 -4.21 -13.54
CA ASP A 100 13.18 -4.55 -14.65
C ASP A 100 11.87 -5.10 -14.08
N GLY A 101 10.75 -4.50 -14.50
CA GLY A 101 9.44 -4.97 -14.09
C GLY A 101 8.82 -4.23 -12.92
N ILE A 102 9.55 -3.28 -12.33
CA ILE A 102 9.02 -2.47 -11.24
C ILE A 102 8.62 -1.11 -11.80
N ARG A 103 7.32 -0.84 -11.76
CA ARG A 103 6.74 0.39 -12.28
C ARG A 103 6.13 1.15 -11.12
N GLY A 104 5.81 2.41 -11.36
CA GLY A 104 5.24 3.26 -10.31
C GLY A 104 3.86 2.83 -9.86
N PHE A 105 3.51 3.21 -8.64
CA PHE A 105 2.20 2.94 -8.04
C PHE A 105 1.09 3.42 -8.97
N PRO A 106 0.04 2.62 -9.16
CA PRO A 106 -0.87 2.92 -10.27
C PRO A 106 -1.87 4.06 -10.05
N ARG A 107 -2.26 4.33 -8.81
CA ARG A 107 -3.26 5.35 -8.52
C ARG A 107 -2.77 6.36 -7.46
N CYS A 108 -2.33 7.53 -7.94
CA CYS A 108 -1.87 8.64 -7.12
C CYS A 108 -2.58 9.94 -7.52
N ARG A 109 -3.30 10.56 -6.58
CA ARG A 109 -3.92 11.88 -6.85
C ARG A 109 -2.88 12.99 -6.93
N TYR A 110 -1.85 12.91 -6.06
CA TYR A 110 -0.72 13.83 -6.08
C TYR A 110 0.58 13.04 -6.03
N VAL A 111 1.48 13.32 -6.97
CA VAL A 111 2.81 12.72 -6.96
C VAL A 111 3.76 13.81 -6.51
N HIS A 112 4.34 13.63 -5.33
CA HIS A 112 5.31 14.58 -4.80
C HIS A 112 6.69 14.24 -5.33
N LYS A 113 7.09 14.96 -6.39
CA LYS A 113 8.34 14.69 -7.06
C LYS A 113 9.44 15.56 -6.46
N VAL A 114 10.28 14.95 -5.63
CA VAL A 114 11.36 15.66 -4.94
C VAL A 114 12.69 15.44 -5.68
N SER A 115 13.24 16.53 -6.21
CA SER A 115 14.60 16.56 -6.74
C SER A 115 15.48 17.29 -5.73
N GLY A 116 16.74 16.88 -5.61
CA GLY A 116 17.63 17.52 -4.66
C GLY A 116 18.86 16.73 -4.25
N THR A 117 19.45 17.13 -3.13
CA THR A 117 20.70 16.57 -2.66
C THR A 117 20.68 16.23 -1.16
N GLY A 118 21.60 15.35 -0.78
CA GLY A 118 21.80 14.95 0.62
C GLY A 118 23.04 14.06 0.74
N PRO A 119 23.49 13.78 1.98
CA PRO A 119 24.69 12.98 2.15
C PRO A 119 24.54 11.51 1.71
N CYS A 120 23.36 10.91 1.92
CA CYS A 120 23.06 9.53 1.49
C CYS A 120 24.06 8.51 2.05
N ALA A 121 24.13 8.44 3.38
CA ALA A 121 25.11 7.62 4.08
C ALA A 121 24.64 6.16 4.18
N GLY A 122 24.58 5.49 3.02
CA GLY A 122 24.09 4.12 2.95
C GLY A 122 23.72 3.72 1.53
N ASP A 123 23.79 2.42 1.25
CA ASP A 123 23.56 1.88 -0.10
C ASP A 123 22.12 1.95 -0.56
N PHE A 124 21.19 1.72 0.35
CA PHE A 124 19.76 1.78 0.04
C PHE A 124 18.98 2.56 1.09
N ALA A 125 17.84 3.09 0.65
CA ALA A 125 16.95 3.89 1.51
C ALA A 125 15.80 3.01 1.95
N PHE A 126 15.64 2.81 3.27
CA PHE A 126 14.58 1.96 3.84
C PHE A 126 13.55 2.80 4.58
N HIS A 127 12.49 2.15 5.03
CA HIS A 127 11.47 2.78 5.87
C HIS A 127 11.87 2.56 7.32
N LYS A 128 12.04 3.65 8.07
CA LYS A 128 12.48 3.58 9.48
C LYS A 128 11.46 2.89 10.39
N GLU A 129 10.21 2.95 10.00
CA GLU A 129 9.13 2.26 10.72
C GLU A 129 8.81 0.83 10.23
N GLY A 130 9.63 0.30 9.32
CA GLY A 130 9.50 -1.09 8.85
C GLY A 130 8.44 -1.33 7.79
N ALA A 131 7.78 -0.28 7.32
CA ALA A 131 6.74 -0.42 6.31
C ALA A 131 7.38 -0.59 4.93
N PHE A 132 6.54 -0.75 3.91
CA PHE A 132 7.00 -0.99 2.54
C PHE A 132 6.78 0.21 1.64
N PHE A 133 7.60 0.28 0.61
CA PHE A 133 7.38 1.14 -0.52
C PHE A 133 6.59 0.34 -1.57
N LEU A 134 5.34 0.75 -1.78
CA LEU A 134 4.43 0.07 -2.67
C LEU A 134 4.59 0.64 -4.05
N TYR A 135 4.93 -0.23 -5.01
CA TYR A 135 5.05 0.11 -6.40
C TYR A 135 3.88 -0.57 -7.12
N ASP A 136 3.95 -0.74 -8.43
CA ASP A 136 2.88 -1.44 -9.16
C ASP A 136 2.87 -2.93 -8.85
N ARG A 137 2.05 -3.33 -7.89
CA ARG A 137 1.88 -4.74 -7.49
C ARG A 137 3.17 -5.42 -6.99
N LEU A 138 4.14 -4.63 -6.57
CA LEU A 138 5.36 -5.12 -5.95
C LEU A 138 5.64 -4.18 -4.79
N ALA A 139 5.85 -4.76 -3.62
CA ALA A 139 6.19 -4.02 -2.41
C ALA A 139 7.66 -4.26 -2.15
N SER A 140 8.46 -3.19 -2.08
CA SER A 140 9.89 -3.30 -1.78
C SER A 140 10.24 -2.70 -0.42
N THR A 141 11.35 -3.20 0.12
CA THR A 141 11.89 -2.70 1.37
C THR A 141 12.65 -1.40 1.16
N VAL A 142 12.91 -1.01 -0.10
CA VAL A 142 13.73 0.16 -0.42
C VAL A 142 13.14 1.06 -1.52
N ILE A 143 13.67 2.28 -1.62
CA ILE A 143 13.21 3.27 -2.60
C ILE A 143 14.02 3.17 -3.88
N TYR A 144 13.36 3.07 -5.02
CA TYR A 144 14.04 3.13 -6.33
C TYR A 144 14.00 4.54 -6.90
N ARG A 145 15.01 4.86 -7.70
CA ARG A 145 15.18 6.20 -8.24
C ARG A 145 14.04 6.54 -9.19
N GLY A 146 13.50 7.75 -9.04
CA GLY A 146 12.59 8.32 -10.03
C GLY A 146 11.39 7.44 -10.34
N THR A 147 10.90 6.73 -9.34
CA THR A 147 9.81 5.78 -9.47
C THR A 147 8.79 6.06 -8.39
N THR A 148 7.54 6.15 -8.78
CA THR A 148 6.48 6.64 -7.91
C THR A 148 6.06 5.56 -6.94
N PHE A 149 5.93 5.91 -5.66
CA PHE A 149 5.55 4.94 -4.65
C PHE A 149 4.60 5.53 -3.62
N ALA A 150 3.77 4.67 -3.05
CA ALA A 150 3.01 4.95 -1.85
C ALA A 150 3.63 4.16 -0.69
N GLU A 151 3.63 4.75 0.49
CA GLU A 151 4.00 4.03 1.70
C GLU A 151 2.86 3.12 2.04
N GLY A 152 3.17 1.91 2.50
CA GLY A 152 2.12 0.98 2.87
C GLY A 152 2.62 -0.32 3.46
N VAL A 153 1.66 -1.21 3.66
CA VAL A 153 1.89 -2.48 4.32
C VAL A 153 1.03 -3.53 3.62
N VAL A 154 1.32 -4.81 3.88
CA VAL A 154 0.70 -5.91 3.14
C VAL A 154 -0.05 -6.85 4.07
N ALA A 155 -1.17 -7.36 3.56
CA ALA A 155 -2.02 -8.34 4.24
C ALA A 155 -2.31 -9.52 3.31
N PHE A 156 -2.68 -10.65 3.92
CA PHE A 156 -3.08 -11.85 3.20
C PHE A 156 -4.43 -12.34 3.73
N LEU A 157 -5.35 -12.67 2.83
CA LEU A 157 -6.72 -13.04 3.21
C LEU A 157 -7.15 -14.35 2.60
N ILE A 158 -8.00 -15.08 3.32
CA ILE A 158 -8.87 -16.09 2.72
C ILE A 158 -10.24 -15.42 2.66
N LEU A 159 -10.79 -15.33 1.46
CA LEU A 159 -12.17 -14.88 1.29
C LEU A 159 -13.10 -16.08 1.30
N PRO A 160 -14.41 -15.86 1.53
CA PRO A 160 -15.40 -16.92 1.22
C PRO A 160 -15.56 -17.16 -0.31
N GLN A 161 -16.62 -17.86 -0.70
CA GLN A 161 -17.03 -17.98 -2.12
C GLN A 161 -18.22 -17.08 -2.52
N ALA A 162 -18.93 -16.53 -1.53
CA ALA A 162 -20.06 -15.61 -1.78
C ALA A 162 -20.25 -14.64 -0.60
N LYS A 163 -20.04 -13.35 -0.82
CA LYS A 163 -20.21 -12.31 0.21
C LYS A 163 -20.47 -10.93 -0.41
N SER A 184 -16.41 8.48 -11.73
CA SER A 184 -15.22 9.32 -11.81
C SER A 184 -14.00 8.54 -12.31
N GLY A 185 -13.18 9.22 -13.10
CA GLY A 185 -11.97 8.63 -13.68
C GLY A 185 -10.81 8.78 -12.73
N TYR A 186 -9.61 8.84 -13.29
CA TYR A 186 -8.37 8.91 -12.53
C TYR A 186 -7.56 10.13 -12.95
N TYR A 187 -7.50 11.13 -12.07
CA TYR A 187 -6.70 12.33 -12.28
C TYR A 187 -5.43 12.22 -11.43
N SER A 188 -4.33 12.79 -11.93
CA SER A 188 -3.07 12.83 -11.19
C SER A 188 -2.30 14.10 -11.49
N THR A 189 -1.82 14.76 -10.44
CA THR A 189 -1.14 16.04 -10.54
C THR A 189 0.22 15.91 -9.89
N THR A 190 1.26 16.40 -10.57
CA THR A 190 2.63 16.30 -10.07
C THR A 190 2.99 17.60 -9.38
N ILE A 191 3.67 17.49 -8.26
CA ILE A 191 4.05 18.64 -7.44
C ILE A 191 5.55 18.53 -7.22
N ARG A 192 6.29 19.55 -7.62
CA ARG A 192 7.74 19.47 -7.72
C ARG A 192 8.42 20.24 -6.59
N TYR A 193 9.47 19.64 -6.04
CA TYR A 193 10.17 20.16 -4.90
C TYR A 193 11.68 20.09 -5.12
N GLN A 194 12.38 21.17 -4.77
CA GLN A 194 13.83 21.12 -4.58
C GLN A 194 14.11 20.73 -3.14
N ALA A 195 15.27 20.13 -2.89
CA ALA A 195 15.65 19.70 -1.56
C ALA A 195 17.16 19.78 -1.34
N THR A 196 17.57 20.27 -0.17
CA THR A 196 18.96 20.20 0.26
C THR A 196 19.01 19.46 1.60
N GLY A 197 20.12 18.75 1.83
CA GLY A 197 20.32 17.98 3.06
C GLY A 197 19.22 16.97 3.28
N PHE A 198 18.92 16.20 2.22
CA PHE A 198 17.84 15.20 2.24
C PHE A 198 18.17 14.09 3.22
N GLY A 199 17.20 13.73 4.05
CA GLY A 199 17.36 12.64 5.01
C GLY A 199 18.33 12.94 6.14
N THR A 200 18.31 14.18 6.62
CA THR A 200 19.11 14.60 7.77
C THR A 200 18.24 15.48 8.68
N ASN A 201 18.80 15.87 9.83
CA ASN A 201 18.10 16.74 10.79
C ASN A 201 17.75 18.15 10.26
N GLU A 202 18.59 18.72 9.39
CA GLU A 202 18.34 20.05 8.78
C GLU A 202 18.08 19.95 7.27
N THR A 203 16.91 19.44 6.90
CA THR A 203 16.47 19.34 5.50
C THR A 203 15.64 20.57 5.14
N GLU A 204 16.02 21.28 4.08
CA GLU A 204 15.31 22.44 3.58
C GLU A 204 14.62 22.08 2.25
N TYR A 205 13.30 22.29 2.19
CA TYR A 205 12.49 22.02 1.00
C TYR A 205 11.98 23.31 0.36
N LEU A 206 11.82 23.29 -0.97
CA LEU A 206 11.26 24.41 -1.73
C LEU A 206 10.23 23.91 -2.74
N PHE A 207 9.00 24.41 -2.67
CA PHE A 207 7.98 24.10 -3.68
C PHE A 207 8.26 24.89 -4.97
N GLU A 208 8.17 24.22 -6.12
CA GLU A 208 8.51 24.83 -7.42
C GLU A 208 7.27 25.37 -8.16
N VAL A 209 7.30 26.67 -8.46
CA VAL A 209 6.27 27.32 -9.27
C VAL A 209 6.70 27.26 -10.74
N ASP A 210 7.91 27.72 -11.02
CA ASP A 210 8.63 27.47 -12.29
C ASP A 210 10.11 27.32 -11.97
N ASN A 211 10.95 27.15 -12.99
CA ASN A 211 12.39 26.90 -12.76
C ASN A 211 13.15 28.03 -12.07
N LEU A 212 12.58 29.23 -12.03
CA LEU A 212 13.15 30.37 -11.31
C LEU A 212 12.32 30.91 -10.13
N THR A 213 11.11 30.40 -9.93
CA THR A 213 10.21 30.88 -8.85
C THR A 213 9.88 29.73 -7.89
N TYR A 214 10.15 29.94 -6.60
CA TYR A 214 9.98 28.92 -5.58
C TYR A 214 9.27 29.45 -4.34
N VAL A 215 8.86 28.52 -3.48
CA VAL A 215 8.22 28.83 -2.21
C VAL A 215 8.84 27.96 -1.12
N GLN A 216 9.21 28.57 0.01
CA GLN A 216 9.74 27.82 1.16
C GLN A 216 8.66 26.92 1.70
N LEU A 217 8.97 25.63 1.80
CA LEU A 217 7.96 24.64 2.19
C LEU A 217 7.82 24.58 3.72
N GLU A 218 6.65 24.14 4.15
CA GLU A 218 6.38 23.86 5.56
C GLU A 218 5.50 22.62 5.65
N SER A 219 5.48 21.99 6.83
CA SER A 219 4.72 20.77 7.05
C SER A 219 3.20 20.97 6.95
N ARG A 220 2.74 22.14 7.38
CA ARG A 220 1.31 22.46 7.38
C ARG A 220 0.67 22.70 6.00
N PHE A 221 1.46 22.88 4.94
CA PHE A 221 0.89 23.08 3.59
C PHE A 221 0.37 21.77 3.00
N THR A 222 -0.90 21.78 2.59
CA THR A 222 -1.53 20.64 1.91
C THR A 222 -1.25 20.73 0.40
N PRO A 223 -1.44 19.62 -0.34
CA PRO A 223 -1.38 19.66 -1.80
C PRO A 223 -2.28 20.72 -2.44
N GLN A 224 -3.52 20.84 -1.98
CA GLN A 224 -4.50 21.76 -2.57
C GLN A 224 -4.12 23.21 -2.33
N PHE A 225 -3.49 23.48 -1.19
CA PHE A 225 -2.99 24.81 -0.89
C PHE A 225 -1.84 25.18 -1.81
N LEU A 226 -0.97 24.22 -2.11
CA LEU A 226 0.17 24.45 -3.01
C LEU A 226 -0.30 24.74 -4.44
N LEU A 227 -1.31 24.00 -4.90
CA LEU A 227 -1.89 24.23 -6.23
C LEU A 227 -2.67 25.55 -6.33
N GLN A 228 -3.29 25.98 -5.22
CA GLN A 228 -3.92 27.30 -5.15
C GLN A 228 -2.89 28.43 -5.06
N LEU A 229 -1.86 28.24 -4.25
CA LEU A 229 -0.77 29.21 -4.11
C LEU A 229 -0.06 29.41 -5.45
N ASN A 230 0.23 28.31 -6.14
CA ASN A 230 0.77 28.33 -7.50
C ASN A 230 -0.11 29.14 -8.47
N GLU A 231 -1.39 28.77 -8.54
CA GLU A 231 -2.43 29.48 -9.30
C GLU A 231 -2.40 30.99 -9.05
N THR A 232 -2.39 31.37 -7.78
CA THR A 232 -2.36 32.78 -7.35
C THR A 232 -1.07 33.49 -7.78
N ILE A 233 0.06 32.77 -7.77
CA ILE A 233 1.35 33.33 -8.21
C ILE A 233 1.37 33.61 -9.71
N TYR A 234 0.91 32.63 -10.51
CA TYR A 234 0.87 32.80 -11.97
C TYR A 234 -0.08 33.92 -12.43
N THR A 235 -1.30 33.93 -11.90
CA THR A 235 -2.31 34.92 -12.28
C THR A 235 -2.03 36.33 -11.77
N SER A 236 -1.57 36.45 -10.52
CA SER A 236 -1.18 37.74 -9.95
C SER A 236 0.14 38.31 -10.53
N GLY A 237 0.91 37.47 -11.21
CA GLY A 237 2.14 37.91 -11.89
C GLY A 237 3.28 38.09 -10.90
N LYS A 238 3.51 37.08 -10.06
CA LYS A 238 4.56 37.13 -9.03
C LYS A 238 5.70 36.14 -9.33
N ARG A 239 5.90 35.84 -10.61
CA ARG A 239 6.99 34.96 -11.03
C ARG A 239 8.26 35.78 -11.16
N SER A 240 9.39 35.09 -11.20
CA SER A 240 10.68 35.73 -11.42
C SER A 240 10.75 36.27 -12.85
N ASN A 241 10.85 37.61 -12.96
CA ASN A 241 11.07 38.28 -14.26
C ASN A 241 12.51 38.80 -14.37
N THR A 242 13.45 37.94 -14.03
CA THR A 242 14.88 38.15 -14.23
C THR A 242 15.47 36.76 -14.49
N THR A 243 16.79 36.69 -14.70
CA THR A 243 17.50 35.41 -14.78
C THR A 243 17.69 34.75 -13.39
N GLY A 244 17.50 35.54 -12.32
CA GLY A 244 17.74 35.09 -10.96
C GLY A 244 16.65 34.25 -10.30
N LYS A 245 17.04 33.54 -9.25
CA LYS A 245 16.17 32.65 -8.50
C LYS A 245 15.34 33.47 -7.49
N LEU A 246 14.04 33.18 -7.40
CA LEU A 246 13.09 33.92 -6.55
C LEU A 246 12.40 32.98 -5.57
N ILE A 247 12.55 33.25 -4.28
CA ILE A 247 12.00 32.39 -3.22
C ILE A 247 11.00 33.18 -2.38
N TRP A 248 9.71 32.84 -2.51
CA TRP A 248 8.64 33.44 -1.71
C TRP A 248 8.50 32.70 -0.39
N LYS A 249 8.52 33.44 0.72
CA LYS A 249 8.19 32.87 2.03
C LYS A 249 6.75 33.25 2.36
N VAL A 250 6.07 32.35 3.08
CA VAL A 250 4.72 32.58 3.57
C VAL A 250 4.82 32.89 5.06
N ASN A 251 4.09 33.91 5.53
CA ASN A 251 4.14 34.31 6.94
C ASN A 251 3.34 33.31 7.78
N PRO A 252 3.74 33.09 9.06
CA PRO A 252 3.04 32.09 9.90
C PRO A 252 1.53 32.32 10.11
N GLU A 253 1.07 33.57 9.99
CA GLU A 253 -0.35 33.93 10.17
C GLU A 253 -1.28 33.30 9.13
N ILE A 254 -0.78 33.07 7.90
CA ILE A 254 -1.57 32.45 6.83
C ILE A 254 -1.73 30.95 7.11
N ASP A 255 -2.90 30.57 7.63
CA ASP A 255 -3.18 29.17 8.01
C ASP A 255 -3.44 28.25 6.80
N THR A 256 -3.57 26.95 7.07
CA THR A 256 -3.85 25.93 6.04
C THR A 256 -4.47 24.68 6.66
N GLU A 260 -6.77 19.53 12.11
CA GLU A 260 -6.38 18.15 12.38
C GLU A 260 -7.38 17.16 11.75
N TRP A 261 -7.51 17.26 10.43
CA TRP A 261 -8.44 16.46 9.64
C TRP A 261 -7.69 15.75 8.50
N ALA A 262 -7.95 14.45 8.35
CA ALA A 262 -7.36 13.66 7.28
C ALA A 262 -8.10 13.93 5.96
N PHE A 263 -7.41 13.68 4.84
CA PHE A 263 -7.94 13.99 3.48
C PHE A 263 -9.35 13.46 3.17
N TRP A 264 -9.66 12.26 3.66
CA TRP A 264 -10.93 11.59 3.34
C TRP A 264 -12.17 12.11 4.10
N GLU A 265 -11.98 13.00 5.08
CA GLU A 265 -13.10 13.54 5.89
C GLU A 265 -13.40 15.05 5.66
N THR A 266 -12.51 15.75 4.95
CA THR A 266 -12.76 17.12 4.49
C THR A 266 -13.19 17.11 3.02
N SER A 276 -8.72 32.65 -4.01
CA SER A 276 -9.08 34.06 -4.09
C SER A 276 -7.83 34.96 -4.14
N GLU A 277 -8.05 36.27 -4.29
CA GLU A 277 -6.97 37.28 -4.29
C GLU A 277 -7.09 38.21 -3.08
N GLU A 278 -6.85 37.63 -1.90
CA GLU A 278 -6.77 38.36 -0.63
C GLU A 278 -5.33 38.58 -0.15
N LEU A 279 -4.42 37.67 -0.51
CA LEU A 279 -3.01 37.75 -0.11
C LEU A 279 -2.27 38.84 -0.89
N SER A 280 -1.23 39.40 -0.27
CA SER A 280 -0.44 40.49 -0.85
C SER A 280 1.05 40.14 -0.80
N PHE A 281 1.71 40.22 -1.96
CA PHE A 281 3.11 39.82 -2.14
C PHE A 281 3.99 41.05 -2.35
N THR A 282 5.14 41.10 -1.67
CA THR A 282 6.09 42.21 -1.79
C THR A 282 7.55 41.72 -1.68
N VAL A 283 8.43 42.24 -2.54
CA VAL A 283 9.83 41.80 -2.64
C VAL A 283 10.71 42.55 -1.64
N VAL A 284 11.28 41.81 -0.68
CA VAL A 284 12.11 42.41 0.38
C VAL A 284 13.55 42.60 -0.14
N UNK A 324 20.00 35.37 -6.19
CA UNK A 324 18.91 35.08 -5.27
C UNK A 324 18.19 36.35 -4.83
N UNK A 325 16.93 36.20 -4.44
CA UNK A 325 16.11 37.33 -3.97
C UNK A 325 14.90 36.82 -3.17
N UNK A 326 15.03 36.85 -1.84
CA UNK A 326 13.95 36.41 -0.94
C UNK A 326 12.80 37.42 -0.88
N UNK A 327 11.64 36.97 -0.41
CA UNK A 327 10.46 37.82 -0.30
C UNK A 327 9.41 37.22 0.63
N UNK A 328 8.41 38.03 0.99
CA UNK A 328 7.34 37.62 1.91
C UNK A 328 5.96 37.75 1.25
N UNK A 329 5.04 36.90 1.69
CA UNK A 329 3.64 36.93 1.27
C UNK A 329 2.76 37.03 2.52
N UNK A 330 1.97 38.09 2.62
CA UNK A 330 1.15 38.37 3.81
C UNK A 330 -0.26 38.79 3.42
N GLU B 1 -6.24 -15.23 16.86
CA GLU B 1 -6.40 -13.93 17.61
C GLU B 1 -7.48 -13.04 17.01
N ALA B 2 -7.88 -12.02 17.78
CA ALA B 2 -8.80 -10.97 17.29
C ALA B 2 -8.01 -9.74 16.80
N ILE B 3 -8.63 -8.98 15.91
CA ILE B 3 -8.01 -7.79 15.31
C ILE B 3 -8.51 -6.50 15.99
N VAL B 4 -7.64 -5.89 16.78
CA VAL B 4 -7.93 -4.64 17.47
C VAL B 4 -7.24 -3.50 16.73
N ASN B 5 -8.00 -2.67 16.01
CA ASN B 5 -7.43 -1.50 15.36
C ASN B 5 -6.85 -0.54 16.40
N ALA B 6 -5.54 -0.30 16.31
CA ALA B 6 -4.78 0.52 17.26
C ALA B 6 -4.04 1.64 16.52
N GLN B 7 -4.64 2.13 15.44
CA GLN B 7 -4.06 3.22 14.63
C GLN B 7 -4.69 4.55 15.04
N PRO B 8 -3.97 5.67 14.81
CA PRO B 8 -4.52 6.98 15.14
C PRO B 8 -5.89 7.23 14.50
N LYS B 9 -5.99 6.93 13.21
CA LYS B 9 -7.23 7.09 12.46
C LYS B 9 -7.46 5.88 11.56
N CYS B 10 -8.68 5.74 11.08
CA CYS B 10 -9.05 4.74 10.07
C CYS B 10 -9.85 5.41 8.98
N ASN B 11 -9.36 5.36 7.75
CA ASN B 11 -10.21 5.68 6.61
C ASN B 11 -11.17 4.51 6.43
N PRO B 12 -12.45 4.68 6.82
CA PRO B 12 -13.39 3.56 6.79
C PRO B 12 -13.75 3.07 5.37
N ASN B 13 -13.32 3.77 4.32
CA ASN B 13 -13.61 3.37 2.95
C ASN B 13 -12.35 2.94 2.21
N LEU B 14 -12.47 1.82 1.50
CA LEU B 14 -11.43 1.29 0.66
C LEU B 14 -11.82 1.48 -0.80
N HIS B 15 -11.29 2.56 -1.40
CA HIS B 15 -11.30 2.74 -2.85
C HIS B 15 -10.11 1.94 -3.41
N TYR B 16 -10.40 0.80 -4.03
CA TYR B 16 -9.34 -0.12 -4.43
C TYR B 16 -9.09 -0.23 -5.94
N TRP B 17 -7.87 -0.62 -6.28
CA TRP B 17 -7.52 -0.99 -7.64
C TRP B 17 -7.01 -2.43 -7.68
N THR B 18 -7.22 -3.09 -8.82
CA THR B 18 -6.69 -4.44 -9.06
C THR B 18 -6.78 -4.75 -10.54
N THR B 19 -6.45 -5.98 -10.92
CA THR B 19 -6.58 -6.43 -12.30
C THR B 19 -7.91 -7.20 -12.46
N GLN B 20 -8.36 -7.33 -13.71
CA GLN B 20 -9.59 -8.09 -14.00
C GLN B 20 -9.35 -9.59 -13.80
N ASP B 21 -10.27 -10.25 -13.08
CA ASP B 21 -10.25 -11.72 -12.88
C ASP B 21 -11.41 -12.48 -13.54
N GLU B 22 -12.55 -11.81 -13.76
CA GLU B 22 -13.76 -12.41 -14.35
C GLU B 22 -14.20 -11.61 -15.58
N GLY B 23 -14.82 -12.30 -16.54
CA GLY B 23 -15.36 -11.69 -17.76
C GLY B 23 -14.49 -11.94 -18.98
N ALA B 24 -15.14 -12.25 -20.10
CA ALA B 24 -14.44 -12.46 -21.38
C ALA B 24 -13.97 -11.14 -21.97
N ALA B 25 -12.85 -11.18 -22.68
CA ALA B 25 -12.26 -9.99 -23.30
C ALA B 25 -13.08 -9.54 -24.51
N ILE B 26 -13.19 -8.22 -24.68
CA ILE B 26 -14.02 -7.64 -25.75
C ILE B 26 -13.26 -7.71 -27.08
N GLY B 27 -13.56 -8.74 -27.88
CA GLY B 27 -12.93 -8.93 -29.18
C GLY B 27 -11.46 -9.30 -29.07
N LEU B 28 -10.59 -8.44 -29.62
CA LEU B 28 -9.13 -8.67 -29.67
C LEU B 28 -8.31 -8.04 -28.53
N ALA B 29 -8.98 -7.49 -27.51
CA ALA B 29 -8.30 -6.72 -26.47
C ALA B 29 -7.32 -7.54 -25.63
N TRP B 30 -7.53 -8.85 -25.57
CA TRP B 30 -6.60 -9.79 -24.92
C TRP B 30 -5.22 -9.93 -25.59
N ILE B 31 -5.15 -9.68 -26.91
CA ILE B 31 -3.90 -9.76 -27.68
C ILE B 31 -2.98 -8.62 -27.23
N PRO B 32 -1.76 -8.92 -26.72
CA PRO B 32 -0.92 -7.84 -26.15
C PRO B 32 -0.58 -6.71 -27.14
N TYR B 33 -0.43 -7.04 -28.41
CA TYR B 33 -0.21 -6.04 -29.45
C TYR B 33 -1.34 -4.99 -29.52
N PHE B 34 -2.58 -5.42 -29.34
CA PHE B 34 -3.75 -4.56 -29.46
C PHE B 34 -4.28 -4.03 -28.13
N GLY B 35 -3.98 -4.73 -27.05
CA GLY B 35 -4.59 -4.44 -25.75
C GLY B 35 -4.09 -3.17 -25.09
N PRO B 36 -4.53 -2.92 -23.86
CA PRO B 36 -4.12 -1.70 -23.17
C PRO B 36 -2.66 -1.71 -22.74
N ALA B 37 -2.11 -0.51 -22.55
CA ALA B 37 -0.78 -0.33 -22.01
C ALA B 37 -0.83 -0.59 -20.51
N ALA B 38 0.35 -0.64 -19.88
CA ALA B 38 0.48 -0.86 -18.44
C ALA B 38 -0.45 0.01 -17.57
N GLU B 39 -0.66 1.25 -18.00
CA GLU B 39 -1.52 2.19 -17.29
C GLU B 39 -3.01 1.82 -17.28
N GLY B 40 -3.44 1.01 -18.26
CA GLY B 40 -4.85 0.72 -18.48
C GLY B 40 -5.33 -0.70 -18.29
N ILE B 41 -4.65 -1.46 -17.43
CA ILE B 41 -5.04 -2.84 -17.11
C ILE B 41 -5.84 -2.97 -15.81
N TYR B 42 -6.15 -1.85 -15.17
CA TYR B 42 -6.75 -1.84 -13.84
C TYR B 42 -8.26 -1.68 -13.85
N ILE B 43 -8.90 -2.31 -12.85
CA ILE B 43 -10.29 -2.06 -12.51
C ILE B 43 -10.32 -1.45 -11.12
N GLU B 44 -11.49 -0.96 -10.72
CA GLU B 44 -11.66 -0.35 -9.43
C GLU B 44 -12.92 -0.86 -8.75
N GLY B 45 -12.94 -0.71 -7.43
CA GLY B 45 -14.13 -0.97 -6.63
C GLY B 45 -14.07 -0.11 -5.40
N LEU B 46 -15.21 0.02 -4.74
CA LEU B 46 -15.34 0.79 -3.51
C LEU B 46 -16.00 -0.10 -2.47
N MET B 47 -15.38 -0.19 -1.30
CA MET B 47 -15.84 -1.02 -0.20
C MET B 47 -16.01 -0.16 1.04
N HIS B 48 -17.14 -0.34 1.73
CA HIS B 48 -17.42 0.37 2.97
C HIS B 48 -17.17 -0.52 4.16
N ASN B 49 -17.22 0.05 5.37
CA ASN B 49 -16.73 -0.62 6.58
C ASN B 49 -17.77 -1.53 7.25
N GLN B 50 -18.49 -2.32 6.45
CA GLN B 50 -19.45 -3.31 6.95
C GLN B 50 -18.66 -4.37 7.71
N ASP B 51 -19.19 -4.78 8.87
CA ASP B 51 -18.53 -5.71 9.79
C ASP B 51 -17.18 -5.20 10.33
N GLY B 52 -16.96 -3.88 10.23
CA GLY B 52 -15.66 -3.28 10.53
C GLY B 52 -14.49 -3.84 9.75
N LEU B 53 -14.77 -4.37 8.55
CA LEU B 53 -13.80 -5.12 7.75
C LEU B 53 -12.65 -4.25 7.26
N ILE B 54 -12.96 -3.06 6.76
CA ILE B 54 -11.94 -2.14 6.25
C ILE B 54 -10.96 -1.74 7.34
N CYS B 55 -11.45 -1.35 8.51
CA CYS B 55 -10.56 -0.95 9.60
C CYS B 55 -9.74 -2.12 10.14
N GLY B 56 -10.33 -3.32 10.17
CA GLY B 56 -9.60 -4.53 10.55
C GLY B 56 -8.49 -4.87 9.55
N LEU B 57 -8.84 -4.74 8.28
CA LEU B 57 -7.91 -4.93 7.18
C LEU B 57 -6.67 -4.04 7.30
N ARG B 58 -6.88 -2.77 7.62
CA ARG B 58 -5.75 -1.84 7.84
C ARG B 58 -4.87 -2.31 8.99
N GLN B 59 -5.51 -2.71 10.09
CA GLN B 59 -4.81 -3.24 11.24
C GLN B 59 -4.13 -4.57 10.96
N LEU B 60 -4.76 -5.42 10.16
CA LEU B 60 -4.21 -6.73 9.83
C LEU B 60 -2.89 -6.57 9.09
N ALA B 61 -2.90 -5.71 8.08
CA ALA B 61 -1.71 -5.40 7.29
C ALA B 61 -0.58 -4.83 8.15
N ASN B 62 -0.92 -3.99 9.12
CA ASN B 62 0.07 -3.43 10.03
C ASN B 62 0.73 -4.55 10.85
N GLU B 63 -0.10 -5.45 11.39
CA GLU B 63 0.37 -6.58 12.21
C GLU B 63 1.13 -7.63 11.43
N THR B 64 0.82 -7.75 10.14
CA THR B 64 1.51 -8.69 9.24
C THR B 64 2.99 -8.32 9.02
N THR B 65 3.32 -7.04 9.18
CA THR B 65 4.60 -6.52 8.71
C THR B 65 5.82 -7.18 9.36
N GLN B 66 5.77 -7.43 10.65
CA GLN B 66 6.90 -8.03 11.35
C GLN B 66 7.26 -9.43 10.80
N ALA B 67 6.28 -10.33 10.86
CA ALA B 67 6.43 -11.68 10.32
C ALA B 67 6.86 -11.66 8.86
N LEU B 68 6.25 -10.79 8.08
CA LEU B 68 6.55 -10.69 6.66
C LEU B 68 7.98 -10.23 6.45
N GLN B 69 8.39 -9.20 7.19
CA GLN B 69 9.76 -8.68 7.08
C GLN B 69 10.80 -9.71 7.47
N LEU B 70 10.54 -10.44 8.55
CA LEU B 70 11.45 -11.52 8.99
C LEU B 70 11.54 -12.65 7.96
N PHE B 71 10.43 -12.95 7.30
CA PHE B 71 10.41 -13.93 6.26
C PHE B 71 11.27 -13.49 5.08
N LEU B 72 11.15 -12.22 4.69
CA LEU B 72 11.95 -11.67 3.59
C LEU B 72 13.44 -11.57 3.92
N ARG B 73 13.79 -11.34 5.19
CA ARG B 73 15.19 -11.41 5.62
C ARG B 73 15.77 -12.81 5.42
N ALA B 74 14.97 -13.84 5.71
CA ALA B 74 15.42 -15.23 5.65
C ALA B 74 15.42 -15.84 4.24
N THR B 75 14.71 -15.24 3.29
CA THR B 75 14.72 -15.75 1.90
C THR B 75 15.83 -15.10 1.11
N THR B 76 16.39 -15.83 0.16
CA THR B 76 17.37 -15.30 -0.80
C THR B 76 16.74 -14.97 -2.15
N GLU B 77 15.47 -15.31 -2.36
CA GLU B 77 14.72 -14.81 -3.54
C GLU B 77 14.66 -13.30 -3.51
N LEU B 78 14.91 -12.70 -4.67
CA LEU B 78 14.87 -11.25 -4.80
C LEU B 78 13.43 -10.77 -4.77
N ARG B 79 12.56 -11.51 -5.45
CA ARG B 79 11.14 -11.22 -5.49
C ARG B 79 10.37 -12.47 -5.13
N THR B 80 9.50 -12.37 -4.13
CA THR B 80 8.74 -13.51 -3.64
C THR B 80 7.28 -13.48 -4.14
N PHE B 81 6.93 -14.47 -4.95
CA PHE B 81 5.57 -14.66 -5.47
C PHE B 81 4.86 -15.90 -4.92
N SER B 82 5.48 -16.67 -4.03
CA SER B 82 4.95 -17.98 -3.63
C SER B 82 4.22 -18.04 -2.28
N ILE B 83 4.11 -16.92 -1.57
CA ILE B 83 3.48 -16.94 -0.24
C ILE B 83 2.08 -17.54 -0.23
N LEU B 84 1.19 -17.08 -1.12
CA LEU B 84 -0.18 -17.61 -1.15
C LEU B 84 -0.27 -19.10 -1.53
N ASN B 85 0.48 -19.54 -2.54
CA ASN B 85 0.52 -20.97 -2.89
C ASN B 85 1.01 -21.83 -1.73
N ARG B 86 2.00 -21.32 -0.99
CA ARG B 86 2.51 -22.03 0.17
C ARG B 86 1.46 -22.09 1.28
N LYS B 87 0.67 -21.04 1.47
CA LYS B 87 -0.43 -21.08 2.43
C LYS B 87 -1.51 -22.10 2.04
N ALA B 88 -1.84 -22.19 0.75
CA ALA B 88 -2.73 -23.23 0.24
C ALA B 88 -2.20 -24.62 0.55
N ILE B 89 -0.91 -24.83 0.34
CA ILE B 89 -0.29 -26.12 0.63
C ILE B 89 -0.38 -26.43 2.12
N ASP B 90 -0.02 -25.47 2.96
CA ASP B 90 -0.16 -25.63 4.42
C ASP B 90 -1.60 -25.84 4.87
N PHE B 91 -2.55 -25.17 4.23
CA PHE B 91 -3.97 -25.42 4.49
C PHE B 91 -4.29 -26.92 4.31
N LEU B 92 -3.89 -27.47 3.17
CA LEU B 92 -4.11 -28.90 2.89
C LEU B 92 -3.35 -29.82 3.83
N LEU B 93 -2.07 -29.52 4.12
CA LEU B 93 -1.27 -30.39 5.00
C LEU B 93 -1.77 -30.44 6.45
N GLN B 94 -2.30 -29.32 6.94
CA GLN B 94 -2.90 -29.26 8.28
C GLN B 94 -4.05 -30.27 8.42
N ARG B 95 -4.82 -30.45 7.34
CA ARG B 95 -5.97 -31.34 7.31
C ARG B 95 -5.66 -32.74 6.83
N TRP B 96 -4.91 -32.85 5.74
CA TRP B 96 -4.72 -34.14 5.05
C TRP B 96 -3.28 -34.69 5.09
N GLY B 97 -2.44 -34.12 5.94
CA GLY B 97 -1.03 -34.47 6.01
C GLY B 97 -0.69 -35.78 6.70
N GLY B 98 -1.66 -36.35 7.42
CA GLY B 98 -1.49 -37.66 8.04
C GLY B 98 -2.69 -38.53 7.69
N THR B 99 -2.96 -39.50 8.57
CA THR B 99 -4.12 -40.36 8.44
C THR B 99 -5.32 -39.62 9.04
N CYS B 100 -6.44 -39.63 8.33
CA CYS B 100 -7.66 -38.97 8.80
C CYS B 100 -8.44 -39.92 9.72
N HIS B 101 -8.30 -39.75 11.04
CA HIS B 101 -9.05 -40.54 12.03
C HIS B 101 -10.50 -40.04 12.09
N ILE B 102 -11.45 -40.83 11.58
CA ILE B 102 -12.84 -40.37 11.45
C ILE B 102 -13.46 -40.15 12.84
N LEU B 103 -14.24 -39.07 12.95
CA LEU B 103 -14.74 -38.53 14.23
C LEU B 103 -13.66 -38.02 15.20
N GLY B 104 -12.40 -37.93 14.75
CA GLY B 104 -11.35 -37.25 15.51
C GLY B 104 -11.50 -35.74 15.31
N PRO B 105 -10.87 -34.94 16.19
CA PRO B 105 -10.99 -33.48 16.09
C PRO B 105 -10.26 -32.85 14.91
N ASP B 106 -9.23 -33.52 14.40
CA ASP B 106 -8.38 -32.98 13.33
C ASP B 106 -8.63 -33.59 11.95
N CYS B 107 -9.79 -34.23 11.75
CA CYS B 107 -10.13 -34.91 10.51
C CYS B 107 -11.45 -34.40 9.96
N CYS B 108 -11.41 -33.66 8.85
CA CYS B 108 -12.59 -33.02 8.29
C CYS B 108 -13.35 -33.96 7.34
N ILE B 109 -13.90 -35.02 7.91
CA ILE B 109 -14.77 -35.95 7.21
C ILE B 109 -16.11 -35.96 7.95
N GLU B 110 -17.21 -35.81 7.20
CA GLU B 110 -18.56 -35.86 7.75
C GLU B 110 -19.27 -37.14 7.29
N PRO B 111 -19.50 -38.10 8.21
CA PRO B 111 -20.30 -39.28 7.89
C PRO B 111 -21.82 -39.14 8.11
N HIS B 112 -22.30 -37.92 8.43
CA HIS B 112 -23.75 -37.59 8.57
C HIS B 112 -24.72 -38.45 7.74
N ASP B 113 -24.64 -38.35 6.41
CA ASP B 113 -25.50 -39.15 5.52
C ASP B 113 -25.13 -40.64 5.56
N TRP B 114 -23.84 -40.93 5.74
CA TRP B 114 -23.36 -42.30 5.91
C TRP B 114 -23.82 -42.98 7.21
N THR B 115 -24.17 -42.19 8.24
CA THR B 115 -24.77 -42.73 9.48
C THR B 115 -26.19 -43.21 9.18
N LYS B 116 -27.00 -42.32 8.60
CA LYS B 116 -28.39 -42.62 8.22
C LYS B 116 -28.55 -43.31 6.85
N ASN B 117 -27.47 -43.88 6.31
CA ASN B 117 -27.53 -44.91 5.28
C ASN B 117 -27.39 -46.30 5.91
N ILE B 118 -26.55 -46.43 6.94
CA ILE B 118 -26.34 -47.71 7.62
C ILE B 118 -27.41 -47.96 8.69
N THR B 119 -27.62 -46.98 9.59
CA THR B 119 -28.63 -47.09 10.66
C THR B 119 -30.08 -47.07 10.14
N ASP B 120 -30.28 -46.51 8.94
CA ASP B 120 -31.57 -46.53 8.27
C ASP B 120 -31.85 -47.88 7.59
N LYS B 121 -30.81 -48.49 6.98
CA LYS B 121 -30.94 -49.78 6.28
C LYS B 121 -30.77 -51.04 7.16
N ILE B 122 -30.74 -50.87 8.49
CA ILE B 122 -30.94 -52.00 9.42
C ILE B 122 -32.38 -52.54 9.40
N ASP B 123 -33.33 -51.72 8.95
CA ASP B 123 -34.73 -52.14 8.77
C ASP B 123 -35.02 -52.78 7.40
N GLN B 124 -33.99 -53.37 6.78
CA GLN B 124 -34.15 -54.38 5.73
C GLN B 124 -33.40 -55.68 6.10
N ILE B 125 -33.09 -55.86 7.39
CA ILE B 125 -32.53 -57.14 7.92
C ILE B 125 -33.17 -57.56 9.26
N ILE B 126 -33.41 -56.61 10.17
CA ILE B 126 -34.16 -56.87 11.43
C ILE B 126 -35.68 -56.72 11.26
N HIS B 127 -36.11 -55.79 10.40
CA HIS B 127 -37.53 -55.63 10.06
C HIS B 127 -37.99 -56.75 9.13
N ASP B 128 -37.12 -57.16 8.19
CA ASP B 128 -37.35 -58.31 7.32
C ASP B 128 -36.72 -59.60 7.90
N PHE B 129 -36.93 -59.84 9.18
CA PHE B 129 -36.51 -61.07 9.85
C PHE B 129 -37.75 -61.96 9.94
N VAL B 130 -38.21 -62.38 8.76
CA VAL B 130 -39.52 -63.02 8.60
C VAL B 130 -39.42 -64.53 8.82
N ASP B 131 -40.21 -65.06 9.75
CA ASP B 131 -40.27 -66.49 10.03
C ASP B 131 -41.46 -67.13 9.31
C1 NAG C . 1.82 -0.35 13.03
C2 NAG C . 3.02 0.40 12.46
C3 NAG C . 3.83 1.03 13.59
C4 NAG C . 2.94 1.96 14.40
C5 NAG C . 1.69 1.22 14.86
C6 NAG C . 0.67 2.12 15.54
C7 NAG C . 4.15 -0.30 10.41
C8 NAG C . 5.07 -1.32 9.80
N2 NAG C . 3.88 -0.49 11.70
O3 NAG C . 4.94 1.72 12.99
O4 NAG C . 3.59 2.46 15.58
O5 NAG C . 1.03 0.59 13.76
O6 NAG C . 0.22 3.15 14.65
O7 NAG C . 3.69 0.61 9.74
C1 NAG C . 4.53 3.53 15.34
C2 NAG C . 4.31 4.66 16.35
C3 NAG C . 5.33 5.76 16.09
C4 NAG C . 6.72 5.17 16.19
C5 NAG C . 6.89 3.99 15.22
C6 NAG C . 8.27 3.37 15.35
C7 NAG C . 2.06 5.11 17.29
C8 NAG C . 0.72 5.72 17.03
N2 NAG C . 2.95 5.19 16.28
O3 NAG C . 5.16 6.81 17.06
O4 NAG C . 7.74 6.15 15.94
O5 NAG C . 5.86 3.03 15.47
O6 NAG C . 8.34 2.06 14.76
O7 NAG C . 2.30 4.58 18.36
C1 BMA C . 8.46 6.54 17.12
C2 BMA C . 9.88 6.98 16.79
C3 BMA C . 10.60 7.43 18.06
C4 BMA C . 9.77 8.46 18.83
C5 BMA C . 8.35 7.94 19.06
C6 BMA C . 7.42 8.96 19.71
O2 BMA C . 9.86 8.04 15.84
O3 BMA C . 11.88 7.97 17.74
O4 BMA C . 10.40 8.74 20.09
O5 BMA C . 7.76 7.58 17.81
O6 BMA C . 7.32 10.15 18.91
C1 MAN C . 6.54 11.23 19.46
C2 MAN C . 7.43 12.18 20.26
C3 MAN C . 7.52 11.87 21.76
C4 MAN C . 6.14 11.66 22.36
C5 MAN C . 5.32 10.62 21.58
C6 MAN C . 3.88 10.62 22.06
O2 MAN C . 6.96 13.52 20.08
O3 MAN C . 8.16 12.94 22.45
O4 MAN C . 6.29 11.22 23.73
O5 MAN C . 5.33 10.85 20.17
O6 MAN C . 3.14 9.58 21.41
C1 NAG D . 0.86 26.29 -11.76
C2 NAG D . 0.76 24.81 -12.16
C3 NAG D . 1.00 24.68 -13.66
C4 NAG D . -0.01 25.56 -14.41
C5 NAG D . 0.16 27.01 -13.94
C6 NAG D . -0.77 28.01 -14.62
C7 NAG D . 1.43 22.89 -10.77
C8 NAG D . 2.58 22.25 -10.03
N2 NAG D . 1.72 24.03 -11.40
O3 NAG D . 0.85 23.31 -14.06
O4 NAG D . 0.17 25.45 -15.82
O5 NAG D . -0.06 27.07 -12.52
O6 NAG D . -2.03 27.43 -14.98
O7 NAG D . 0.32 22.36 -10.77
C1 NAG E . 20.68 17.34 14.37
C2 NAG E . 21.89 16.85 15.17
C3 NAG E . 21.72 17.07 16.68
C4 NAG E . 20.32 17.49 17.12
C5 NAG E . 19.63 18.50 16.19
C6 NAG E . 19.61 19.90 16.81
C7 NAG E . 23.27 14.95 14.39
C8 NAG E . 23.30 13.46 14.17
N2 NAG E . 22.13 15.45 14.88
O3 NAG E . 22.66 18.07 17.11
O4 NAG E . 19.50 16.32 17.22
O5 NAG E . 20.25 18.59 14.91
O6 NAG E . 18.64 19.97 17.86
O7 NAG E . 24.26 15.63 14.14
C1 NAG F . 12.85 23.35 -16.18
C2 NAG F . 12.91 23.29 -17.71
C3 NAG F . 12.92 21.86 -18.23
C4 NAG F . 13.95 21.00 -17.49
C5 NAG F . 13.70 21.10 -15.98
C6 NAG F . 14.68 20.24 -15.17
C7 NAG F . 11.81 25.18 -18.84
C8 NAG F . 10.49 25.71 -19.32
N2 NAG F . 11.75 23.98 -18.25
O3 NAG F . 13.21 21.86 -19.63
O4 NAG F . 13.87 19.65 -17.94
O5 NAG F . 13.81 22.47 -15.58
O6 NAG F . 16.02 20.67 -15.40
O7 NAG F . 12.83 25.82 -18.97
C1 NAG G . 8.21 41.78 -12.16
C2 NAG G . 6.68 41.60 -12.02
C3 NAG G . 6.21 41.89 -10.59
C4 NAG G . 6.99 41.01 -9.64
C5 NAG G . 8.45 41.43 -9.64
C6 NAG G . 9.30 40.36 -8.95
C7 NAG G . 4.78 42.09 -13.52
C8 NAG G . 4.21 43.04 -14.54
N2 NAG G . 5.98 42.40 -13.01
O3 NAG G . 4.81 41.64 -10.45
O4 NAG G . 6.47 41.11 -8.31
O5 NAG G . 9.00 41.69 -10.95
O6 NAG G . 10.67 40.75 -8.94
O7 NAG G . 4.14 41.09 -13.20
C1 GOL H . 23.33 4.32 -7.43
O1 GOL H . 23.05 3.11 -8.14
C2 GOL H . 23.09 4.14 -5.93
O2 GOL H . 22.06 3.17 -5.73
C3 GOL H . 24.37 3.69 -5.24
O3 GOL H . 24.12 3.40 -3.86
C1 GOL I . 10.98 10.24 -13.74
O1 GOL I . 11.34 10.84 -12.49
C2 GOL I . 9.47 10.37 -13.99
O2 GOL I . 9.23 10.70 -15.37
C3 GOL I . 8.75 9.07 -13.63
O3 GOL I . 7.34 9.21 -13.83
S DMS J . -3.08 10.29 -15.91
O DMS J . -3.71 10.97 -14.76
C1 DMS J . -1.74 9.39 -15.39
C2 DMS J . -4.10 9.04 -16.47
C11 T0R K . -9.96 -7.82 -5.72
C14 T0R K . -8.78 -5.63 -0.25
CL T0R K . -11.42 -8.05 1.01
C9 T0R K . -11.95 -6.35 0.90
C4 T0R K . -12.01 -5.79 -0.52
C2 T0R K . -11.46 -6.61 -1.69
C6 T0R K . -12.44 -7.53 -2.35
C16 T0R K . -13.46 -6.99 -3.14
C22 T0R K . -14.38 -7.81 -3.78
C24 T0R K . -14.31 -9.20 -3.62
C21 T0R K . -13.30 -9.75 -2.83
C15 T0R K . -12.37 -8.92 -2.19
C1 T0R K . -10.19 -6.48 -2.17
C5 T0R K . -9.16 -5.55 -1.58
C20 T0R K . -7.83 -4.76 0.27
C23 T0R K . -7.23 -3.81 -0.56
C19 T0R K . -7.59 -3.73 -1.91
C13 T0R K . -8.56 -4.61 -2.41
C3 T0R K . -9.71 -7.27 -3.37
C8 T0R K . -8.56 -8.07 -3.33
C12 T0R K . -8.13 -8.75 -4.47
C10 T0R K . -8.83 -8.63 -5.68
C7 T0R K . -10.38 -7.14 -4.59
O T0R K . -8.51 -9.26 -6.85
C18 T0R K . -7.32 -9.98 -7.17
C17 T0R K . -7.59 -10.82 -8.41
N T0R K . -6.32 -11.15 -9.08
C26 T0R K . -6.50 -11.29 -10.54
C25 T0R K . -5.73 -12.38 -8.52
#